data_2L2Y
#
_entry.id   2L2Y
#
_entity_poly.entity_id   1
_entity_poly.type   'polypeptide(L)'
_entity_poly.pdbx_seq_one_letter_code
;(QUA)IA(DHA)AS(BB9)T(DBU)C(TS9)(BB9)T(BB9)(MH6)(BB9)(DHA)(NH2)
;
_entity_poly.pdbx_strand_id   A
#
# COMPACT_ATOMS: atom_id res chain seq x y z
N ILE A 2 -3.66 2.31 4.64
CA ILE A 2 -3.51 1.34 5.75
C ILE A 2 -3.31 -0.07 5.23
N ALA A 3 -4.01 -0.40 4.14
CA ALA A 3 -3.90 -1.71 3.51
C ALA A 3 -4.56 -1.71 2.14
N ALA A 5 -3.39 -2.84 -2.42
CA ALA A 5 -2.42 -3.53 -3.26
C ALA A 5 -1.89 -2.60 -4.35
N SER A 6 -0.59 -2.33 -4.30
CA SER A 6 0.03 -1.36 -5.26
C SER A 6 -0.43 0.00 -5.01
N THR A 8 0.52 2.74 -2.25
CA THR A 8 1.13 3.73 -1.38
C THR A 8 2.59 3.96 -1.78
N CYS A 10 5.46 4.00 0.05
CA CYS A 10 6.70 3.70 0.78
C CYS A 10 6.44 3.26 2.19
N THR A 13 2.74 -1.47 0.92
CA THR A 13 2.03 -2.20 -0.14
C THR A 13 2.23 -1.53 -1.50
N ILE A 2 -3.68 2.35 4.65
CA ILE A 2 -3.52 1.37 5.75
C ILE A 2 -3.29 -0.03 5.22
N ALA A 3 -3.98 -0.37 4.13
CA ALA A 3 -3.85 -1.66 3.48
C ALA A 3 -4.52 -1.66 2.12
N ALA A 5 -3.38 -2.84 -2.44
CA ALA A 5 -2.43 -3.54 -3.29
C ALA A 5 -1.89 -2.63 -4.38
N SER A 6 -0.58 -2.36 -4.32
CA SER A 6 0.05 -1.37 -5.26
C SER A 6 -0.44 -0.01 -5.00
N THR A 8 0.51 2.72 -2.24
CA THR A 8 1.11 3.73 -1.38
C THR A 8 2.56 3.97 -1.78
N CYS A 10 5.45 4.01 0.05
CA CYS A 10 6.70 3.70 0.76
C CYS A 10 6.47 3.23 2.18
N THR A 13 2.73 -1.50 0.93
CA THR A 13 2.01 -2.22 -0.12
C THR A 13 2.22 -1.55 -1.48
N ILE A 2 -3.73 2.31 4.63
CA ILE A 2 -3.61 1.34 5.75
C ILE A 2 -3.36 -0.08 5.22
N ALA A 3 -4.04 -0.42 4.14
CA ALA A 3 -3.90 -1.72 3.51
C ALA A 3 -4.56 -1.73 2.13
N ALA A 5 -3.39 -2.85 -2.43
CA ALA A 5 -2.42 -3.53 -3.27
C ALA A 5 -1.89 -2.61 -4.36
N SER A 6 -0.59 -2.33 -4.30
CA SER A 6 0.04 -1.35 -5.25
C SER A 6 -0.44 0.00 -4.98
N THR A 8 0.52 2.73 -2.22
CA THR A 8 1.14 3.73 -1.36
C THR A 8 2.59 3.94 -1.77
N CYS A 10 5.49 4.02 0.01
CA CYS A 10 6.73 3.73 0.71
C CYS A 10 6.50 3.29 2.14
N THR A 13 2.74 -1.47 0.93
CA THR A 13 2.02 -2.19 -0.12
C THR A 13 2.23 -1.53 -1.48
N ILE A 2 -3.71 2.30 4.61
CA ILE A 2 -3.63 1.37 5.76
C ILE A 2 -3.41 -0.06 5.28
N ALA A 3 -4.06 -0.40 4.16
CA ALA A 3 -3.96 -1.72 3.56
C ALA A 3 -4.60 -1.75 2.19
N ALA A 5 -3.35 -2.84 -2.36
CA ALA A 5 -2.37 -3.53 -3.19
C ALA A 5 -1.87 -2.62 -4.30
N SER A 6 -0.56 -2.34 -4.29
CA SER A 6 0.02 -1.35 -5.25
C SER A 6 -0.48 -0.01 -4.98
N THR A 8 0.48 2.74 -2.25
CA THR A 8 1.11 3.75 -1.41
C THR A 8 2.56 3.96 -1.83
N CYS A 10 5.46 4.00 0.05
CA CYS A 10 6.69 3.71 0.79
C CYS A 10 6.43 3.27 2.21
N THR A 13 2.76 -1.51 0.89
CA THR A 13 2.03 -2.22 -0.16
C THR A 13 2.23 -1.54 -1.50
N ILE A 2 -3.73 2.29 4.61
CA ILE A 2 -3.64 1.35 5.75
C ILE A 2 -3.40 -0.07 5.26
N ALA A 3 -4.05 -0.42 4.15
CA ALA A 3 -3.92 -1.75 3.56
C ALA A 3 -4.57 -1.78 2.18
N ALA A 5 -3.37 -2.84 -2.37
CA ALA A 5 -2.40 -3.52 -3.21
C ALA A 5 -1.89 -2.61 -4.31
N SER A 6 -0.59 -2.33 -4.29
CA SER A 6 0.02 -1.34 -5.24
C SER A 6 -0.46 0.01 -4.97
N THR A 8 0.51 2.74 -2.22
CA THR A 8 1.13 3.74 -1.38
C THR A 8 2.58 3.96 -1.79
N CYS A 10 5.46 3.96 0.02
CA CYS A 10 6.71 3.64 0.71
C CYS A 10 6.48 3.16 2.13
N THR A 13 2.77 -1.47 0.90
CA THR A 13 2.06 -2.20 -0.15
C THR A 13 2.25 -1.52 -1.50
N ILE A 2 -3.74 2.31 4.58
CA ILE A 2 -3.62 1.37 5.72
C ILE A 2 -3.39 -0.05 5.24
N ALA A 3 -4.06 -0.40 4.15
CA ALA A 3 -3.92 -1.73 3.55
C ALA A 3 -4.59 -1.76 2.17
N ALA A 5 -3.36 -2.86 -2.37
CA ALA A 5 -2.38 -3.54 -3.21
C ALA A 5 -1.88 -2.61 -4.31
N SER A 6 -0.57 -2.33 -4.28
CA SER A 6 0.02 -1.32 -5.22
C SER A 6 -0.48 0.02 -4.95
N THR A 8 0.49 2.75 -2.21
CA THR A 8 1.12 3.76 -1.36
C THR A 8 2.56 3.95 -1.79
N CYS A 10 5.49 3.96 0.02
CA CYS A 10 6.73 3.64 0.72
C CYS A 10 6.51 3.20 2.14
N THR A 13 2.76 -1.48 0.92
CA THR A 13 2.06 -2.20 -0.13
C THR A 13 2.24 -1.51 -1.48
N ILE A 2 -3.67 2.31 4.73
CA ILE A 2 -3.53 1.31 5.82
C ILE A 2 -3.31 -0.09 5.25
N ALA A 3 -3.99 -0.37 4.14
CA ALA A 3 -3.87 -1.66 3.47
C ALA A 3 -4.51 -1.60 2.08
N ALA A 5 -3.35 -2.80 -2.46
CA ALA A 5 -2.41 -3.54 -3.29
C ALA A 5 -1.86 -2.64 -4.39
N SER A 6 -0.55 -2.37 -4.33
CA SER A 6 0.09 -1.39 -5.28
C SER A 6 -0.40 -0.04 -5.05
N THR A 8 0.46 2.75 -2.32
CA THR A 8 1.06 3.78 -1.49
C THR A 8 2.52 3.99 -1.89
N CYS A 10 5.43 4.00 0.04
CA CYS A 10 6.66 3.69 0.76
C CYS A 10 6.42 3.26 2.19
N THR A 13 2.68 -1.50 0.94
CA THR A 13 1.97 -2.22 -0.11
C THR A 13 2.19 -1.55 -1.46
N ILE A 2 -3.64 2.31 4.64
CA ILE A 2 -3.50 1.35 5.76
C ILE A 2 -3.32 -0.07 5.24
N ALA A 3 -4.02 -0.38 4.14
CA ALA A 3 -3.94 -1.70 3.52
C ALA A 3 -4.59 -1.69 2.13
N ALA A 5 -3.38 -2.83 -2.41
CA ALA A 5 -2.41 -3.52 -3.24
C ALA A 5 -1.89 -2.61 -4.33
N SER A 6 -0.57 -2.35 -4.30
CA SER A 6 0.05 -1.37 -5.27
C SER A 6 -0.43 -0.02 -5.03
N THR A 8 0.48 2.75 -2.29
CA THR A 8 1.09 3.77 -1.43
C THR A 8 2.53 4.02 -1.84
N CYS A 10 5.44 4.02 0.09
CA CYS A 10 6.67 3.71 0.81
C CYS A 10 6.43 3.24 2.22
N THR A 13 2.74 -1.51 0.91
CA THR A 13 2.04 -2.22 -0.15
C THR A 13 2.23 -1.55 -1.51
N ILE A 2 -3.66 2.28 4.63
CA ILE A 2 -3.51 1.33 5.76
C ILE A 2 -3.33 -0.09 5.25
N ALA A 3 -4.02 -0.41 4.17
CA ALA A 3 -3.94 -1.72 3.55
C ALA A 3 -4.60 -1.72 2.17
N ALA A 5 -3.40 -2.78 -2.38
CA ALA A 5 -2.43 -3.46 -3.22
C ALA A 5 -1.91 -2.55 -4.32
N SER A 6 -0.59 -2.31 -4.29
CA SER A 6 0.04 -1.36 -5.28
C SER A 6 -0.41 0.00 -5.05
N THR A 8 0.52 2.75 -2.30
CA THR A 8 1.13 3.75 -1.43
C THR A 8 2.59 3.98 -1.83
N CYS A 10 5.47 3.99 0.09
CA CYS A 10 6.69 3.71 0.83
C CYS A 10 6.42 3.24 2.25
N THR A 13 2.77 -1.47 0.89
CA THR A 13 2.06 -2.21 -0.16
C THR A 13 2.25 -1.54 -1.52
N ILE A 2 -3.68 2.31 4.60
CA ILE A 2 -3.56 1.37 5.73
C ILE A 2 -3.36 -0.06 5.25
N ALA A 3 -4.02 -0.39 4.15
CA ALA A 3 -3.93 -1.71 3.54
C ALA A 3 -4.60 -1.73 2.17
N ALA A 5 -3.39 -2.84 -2.38
CA ALA A 5 -2.41 -3.52 -3.22
C ALA A 5 -1.90 -2.59 -4.31
N SER A 6 -0.60 -2.33 -4.29
CA SER A 6 0.02 -1.35 -5.25
C SER A 6 -0.44 0.01 -4.99
N THR A 8 0.54 2.72 -2.23
CA THR A 8 1.15 3.73 -1.35
C THR A 8 2.60 3.97 -1.76
N CYS A 10 5.47 4.06 0.06
CA CYS A 10 6.71 3.77 0.79
C CYS A 10 6.44 3.30 2.21
N THR A 13 2.75 -1.49 0.89
CA THR A 13 2.04 -2.23 -0.16
C THR A 13 2.25 -1.56 -1.51
N ILE A 2 -3.68 2.31 4.68
CA ILE A 2 -3.56 1.31 5.79
C ILE A 2 -3.33 -0.08 5.24
N ALA A 3 -4.01 -0.39 4.13
CA ALA A 3 -3.87 -1.69 3.48
C ALA A 3 -4.53 -1.67 2.10
N ALA A 5 -3.36 -2.84 -2.45
CA ALA A 5 -2.40 -3.55 -3.28
C ALA A 5 -1.88 -2.64 -4.37
N SER A 6 -0.57 -2.36 -4.33
CA SER A 6 0.04 -1.36 -5.27
C SER A 6 -0.46 -0.02 -4.99
N THR A 8 0.52 2.71 -2.25
CA THR A 8 1.15 3.71 -1.41
C THR A 8 2.61 3.88 -1.82
N CYS A 10 5.45 3.99 0.00
CA CYS A 10 6.66 3.72 0.78
C CYS A 10 6.37 3.31 2.20
N THR A 13 2.71 -1.46 0.92
CA THR A 13 2.01 -2.20 -0.13
C THR A 13 2.22 -1.53 -1.49
N ILE A 2 -3.63 2.37 4.59
CA ILE A 2 -3.46 1.41 5.70
C ILE A 2 -3.25 -0.01 5.18
N ALA A 3 -3.95 -0.34 4.10
CA ALA A 3 -3.85 -1.67 3.50
C ALA A 3 -4.55 -1.68 2.14
N ALA A 5 -3.43 -2.87 -2.42
CA ALA A 5 -2.45 -3.55 -3.27
C ALA A 5 -1.92 -2.60 -4.34
N SER A 6 -0.61 -2.34 -4.29
CA SER A 6 0.01 -1.36 -5.24
C SER A 6 -0.46 0.00 -4.97
N THR A 8 0.53 2.73 -2.22
CA THR A 8 1.14 3.73 -1.36
C THR A 8 2.58 3.98 -1.77
N CYS A 10 5.46 4.05 0.13
CA CYS A 10 6.69 3.78 0.87
C CYS A 10 6.42 3.30 2.27
N THR A 13 2.76 -1.52 0.91
CA THR A 13 2.03 -2.23 -0.14
C THR A 13 2.23 -1.57 -1.49
N ILE A 2 -3.70 2.30 4.61
CA ILE A 2 -3.64 1.36 5.76
C ILE A 2 -3.43 -0.07 5.28
N ALA A 3 -4.10 -0.40 4.16
CA ALA A 3 -3.99 -1.72 3.57
C ALA A 3 -4.63 -1.74 2.18
N ALA A 5 -3.35 -2.82 -2.35
CA ALA A 5 -2.37 -3.51 -3.17
C ALA A 5 -1.86 -2.61 -4.30
N SER A 6 -0.56 -2.34 -4.28
CA SER A 6 0.04 -1.36 -5.24
C SER A 6 -0.45 -0.01 -5.00
N THR A 8 0.46 2.76 -2.25
CA THR A 8 1.07 3.78 -1.40
C THR A 8 2.50 4.03 -1.84
N CYS A 10 5.45 3.95 0.01
CA CYS A 10 6.70 3.59 0.68
C CYS A 10 6.50 3.11 2.10
N THR A 13 2.77 -1.48 0.90
CA THR A 13 2.05 -2.22 -0.15
C THR A 13 2.25 -1.53 -1.51
N ILE A 2 -3.65 2.32 4.72
CA ILE A 2 -3.52 1.31 5.80
C ILE A 2 -3.32 -0.08 5.23
N ALA A 3 -3.99 -0.36 4.12
CA ALA A 3 -3.90 -1.66 3.45
C ALA A 3 -4.54 -1.61 2.08
N ALA A 5 -3.37 -2.82 -2.47
CA ALA A 5 -2.42 -3.54 -3.30
C ALA A 5 -1.87 -2.63 -4.39
N SER A 6 -0.56 -2.37 -4.32
CA SER A 6 0.09 -1.40 -5.28
C SER A 6 -0.40 -0.05 -5.06
N THR A 8 0.48 2.72 -2.30
CA THR A 8 1.08 3.75 -1.46
C THR A 8 2.53 3.96 -1.84
N CYS A 10 5.43 4.04 0.03
CA CYS A 10 6.67 3.75 0.76
C CYS A 10 6.43 3.30 2.18
N THR A 13 2.68 -1.50 0.94
CA THR A 13 1.96 -2.21 -0.11
C THR A 13 2.19 -1.55 -1.48
N ILE A 2 -3.74 2.35 4.61
CA ILE A 2 -3.59 1.40 5.74
C ILE A 2 -3.34 -0.02 5.23
N ALA A 3 -4.03 -0.37 4.15
CA ALA A 3 -3.89 -1.68 3.54
C ALA A 3 -4.57 -1.72 2.17
N ALA A 5 -3.39 -2.85 -2.39
CA ALA A 5 -2.41 -3.53 -3.22
C ALA A 5 -1.89 -2.59 -4.31
N SER A 6 -0.58 -2.33 -4.28
CA SER A 6 0.03 -1.35 -5.24
C SER A 6 -0.44 0.01 -4.99
N THR A 8 0.53 2.73 -2.22
CA THR A 8 1.14 3.73 -1.36
C THR A 8 2.59 3.97 -1.75
N CYS A 10 5.49 3.98 0.06
CA CYS A 10 6.74 3.68 0.76
C CYS A 10 6.50 3.18 2.17
N THR A 13 2.77 -1.50 0.90
CA THR A 13 2.03 -2.21 -0.13
C THR A 13 2.23 -1.54 -1.50
N ILE A 2 -3.65 2.35 4.70
CA ILE A 2 -3.50 1.36 5.79
C ILE A 2 -3.27 -0.04 5.23
N ALA A 3 -3.97 -0.34 4.13
CA ALA A 3 -3.86 -1.63 3.47
C ALA A 3 -4.51 -1.59 2.09
N ALA A 5 -3.36 -2.84 -2.45
CA ALA A 5 -2.41 -3.55 -3.28
C ALA A 5 -1.87 -2.65 -4.38
N SER A 6 -0.56 -2.39 -4.33
CA SER A 6 0.06 -1.39 -5.27
C SER A 6 -0.43 -0.05 -4.99
N THR A 8 0.51 2.69 -2.25
CA THR A 8 1.13 3.70 -1.39
C THR A 8 2.58 3.94 -1.79
N CYS A 10 5.44 4.00 0.04
CA CYS A 10 6.67 3.70 0.76
C CYS A 10 6.40 3.24 2.18
N THR A 13 2.69 -1.49 0.92
CA THR A 13 1.98 -2.23 -0.13
C THR A 13 2.21 -1.57 -1.48
N ILE A 2 -3.69 2.35 4.65
CA ILE A 2 -3.58 1.37 5.76
C ILE A 2 -3.38 -0.04 5.23
N ALA A 3 -4.05 -0.34 4.11
CA ALA A 3 -3.94 -1.65 3.47
C ALA A 3 -4.57 -1.62 2.09
N ALA A 5 -3.37 -2.89 -2.42
CA ALA A 5 -2.41 -3.59 -3.25
C ALA A 5 -1.88 -2.67 -4.35
N SER A 6 -0.57 -2.38 -4.30
CA SER A 6 0.03 -1.37 -5.24
C SER A 6 -0.46 -0.04 -4.96
N THR A 8 0.53 2.70 -2.23
CA THR A 8 1.15 3.71 -1.38
C THR A 8 2.59 3.94 -1.79
N CYS A 10 5.46 4.07 0.05
CA CYS A 10 6.69 3.82 0.79
C CYS A 10 6.43 3.35 2.22
N THR A 13 2.73 -1.52 0.92
CA THR A 13 1.99 -2.23 -0.13
C THR A 13 2.21 -1.56 -1.48
N ILE A 2 -3.63 2.32 4.64
CA ILE A 2 -3.48 1.35 5.75
C ILE A 2 -3.33 -0.07 5.22
N ALA A 3 -4.02 -0.35 4.12
CA ALA A 3 -3.97 -1.67 3.49
C ALA A 3 -4.61 -1.63 2.10
N ALA A 5 -3.36 -2.84 -2.42
CA ALA A 5 -2.39 -3.53 -3.25
C ALA A 5 -1.86 -2.62 -4.35
N SER A 6 -0.55 -2.36 -4.32
CA SER A 6 0.07 -1.36 -5.26
C SER A 6 -0.43 -0.01 -4.98
N THR A 8 0.50 2.72 -2.23
CA THR A 8 1.11 3.74 -1.38
C THR A 8 2.56 3.97 -1.80
N CYS A 10 5.43 3.98 0.03
CA CYS A 10 6.67 3.65 0.74
C CYS A 10 6.43 3.19 2.15
N THR A 13 2.73 -1.49 0.92
CA THR A 13 2.03 -2.21 -0.13
C THR A 13 2.24 -1.54 -1.49
N ILE A 2 -3.71 2.28 4.64
CA ILE A 2 -3.62 1.34 5.78
C ILE A 2 -3.38 -0.09 5.28
N ALA A 3 -4.02 -0.42 4.16
CA ALA A 3 -3.90 -1.74 3.55
C ALA A 3 -4.56 -1.77 2.19
N ALA A 5 -3.38 -2.78 -2.39
CA ALA A 5 -2.43 -3.48 -3.25
C ALA A 5 -1.90 -2.56 -4.33
N SER A 6 -0.58 -2.31 -4.29
CA SER A 6 0.04 -1.35 -5.25
C SER A 6 -0.42 0.01 -5.03
N THR A 8 0.46 2.78 -2.29
CA THR A 8 1.08 3.80 -1.45
C THR A 8 2.54 4.01 -1.86
N CYS A 10 5.45 4.00 0.02
CA CYS A 10 6.69 3.71 0.74
C CYS A 10 6.45 3.27 2.17
N THR A 13 2.75 -1.51 0.93
CA THR A 13 2.04 -2.23 -0.12
C THR A 13 2.22 -1.54 -1.47
N ILE A 2 -3.66 2.34 4.62
CA ILE A 2 -3.50 1.37 5.73
C ILE A 2 -3.35 -0.05 5.18
N ALA A 3 -4.06 -0.34 4.09
CA ALA A 3 -4.00 -1.65 3.46
C ALA A 3 -4.63 -1.62 2.07
N ALA A 5 -3.38 -2.89 -2.44
CA ALA A 5 -2.38 -3.56 -3.25
C ALA A 5 -1.86 -2.64 -4.34
N SER A 6 -0.54 -2.37 -4.30
CA SER A 6 0.06 -1.36 -5.24
C SER A 6 -0.44 -0.02 -4.97
N THR A 8 0.49 2.71 -2.20
CA THR A 8 1.09 3.73 -1.35
C THR A 8 2.54 3.99 -1.77
N CYS A 10 5.45 4.01 0.02
CA CYS A 10 6.72 3.69 0.69
C CYS A 10 6.51 3.22 2.11
N THR A 13 2.73 -1.51 0.93
CA THR A 13 2.01 -2.23 -0.12
C THR A 13 2.23 -1.55 -1.47
#